data_5UY6
#
_entry.id   5UY6
#
_cell.length_a   73.324
_cell.length_b   73.324
_cell.length_c   121.964
_cell.angle_alpha   90.00
_cell.angle_beta   90.00
_cell.angle_gamma   90.00
#
_symmetry.space_group_name_H-M   'P 43 21 2'
#
loop_
_entity.id
_entity.type
_entity.pdbx_description
1 polymer 'Calcium/calmodulin-dependent protein kinase kinase 2'
2 non-polymer '2-cyclopentyl-4-(5-phenylfuro[2,3-b]pyridin-3-yl)benzoic acid'
3 water water
#
_entity_poly.entity_id   1
_entity_poly.type   'polypeptide(L)'
_entity_poly.pdbx_seq_one_letter_code
;SMQLNQYTLKDEIGKGSYGVVKLAYNENDNTYYAMKVLSKKKLIRQAGFPRRPPPRGTRPAPGGCIQPRGPIEQVYQEIA
ILKKLDHPNVVKLVEVLDDPNEDHLYMVFELVNQGPVMEVPTLKPLSEDQARFYFQDLIKGIEYLHYQKIIHRDIKPSNL
LVGEDGHIKIADFGVSNEFKGSDALLSNTVGTPAFMAPESLSETRKIFSGKALDVWAMGVTLYCFVFGQCPFMDERIMCL
HSKIKSQALEFPDQPDIAEDLKDLITRMLDKNPESRIVVPEIKLHPWVTRH
;
_entity_poly.pdbx_strand_id   A
#
# COMPACT_ATOMS: atom_id res chain seq x y z
N SER A 1 28.47 6.81 7.90
CA SER A 1 27.94 5.65 7.21
C SER A 1 28.43 4.36 7.87
N MET A 2 27.93 3.21 7.42
CA MET A 2 28.45 1.93 7.90
C MET A 2 28.54 0.92 6.76
N GLN A 3 29.42 -0.07 6.89
CA GLN A 3 29.58 -1.10 5.86
C GLN A 3 28.75 -2.34 6.20
N LEU A 4 28.07 -2.90 5.21
CA LEU A 4 27.33 -4.15 5.30
C LEU A 4 27.64 -4.93 4.04
N ASN A 5 28.55 -5.92 4.14
CA ASN A 5 29.03 -6.67 2.97
C ASN A 5 29.50 -5.67 1.89
N GLN A 6 28.99 -5.75 0.65
CA GLN A 6 29.40 -4.85 -0.42
C GLN A 6 28.71 -3.47 -0.37
N TYR A 7 27.81 -3.24 0.60
CA TYR A 7 27.08 -1.98 0.67
C TYR A 7 27.61 -1.02 1.73
N THR A 8 27.48 0.29 1.44
CA THR A 8 27.77 1.37 2.38
C THR A 8 26.41 1.97 2.67
N LEU A 9 25.95 1.83 3.92
CA LEU A 9 24.63 2.31 4.37
C LEU A 9 24.73 3.75 4.78
N LYS A 10 23.86 4.61 4.26
CA LYS A 10 23.93 6.03 4.50
C LYS A 10 22.69 6.55 5.23
N ASP A 11 22.17 7.69 4.85
CA ASP A 11 21.00 8.28 5.52
C ASP A 11 19.72 7.47 5.38
N GLU A 12 18.85 7.62 6.38
CA GLU A 12 17.52 7.03 6.37
C GLU A 12 16.72 7.87 5.37
N ILE A 13 16.08 7.22 4.39
CA ILE A 13 15.29 7.94 3.36
C ILE A 13 13.78 7.78 3.58
N GLY A 14 13.36 6.72 4.26
CA GLY A 14 11.94 6.50 4.53
C GLY A 14 11.71 5.54 5.65
N LYS A 15 10.46 5.53 6.13
CA LYS A 15 10.03 4.64 7.21
C LYS A 15 8.61 4.19 6.91
N GLY A 16 8.45 2.90 6.63
CA GLY A 16 7.15 2.32 6.32
C GLY A 16 6.52 1.73 7.56
N SER A 17 5.64 0.74 7.35
CA SER A 17 4.94 0.08 8.45
C SER A 17 5.93 -0.62 9.37
N TYR A 18 7.03 -1.16 8.83
CA TYR A 18 8.05 -1.86 9.62
C TYR A 18 9.43 -1.43 9.24
N GLY A 19 10.34 -1.47 10.19
CA GLY A 19 11.73 -1.13 9.93
C GLY A 19 11.96 0.29 9.46
N VAL A 20 13.06 0.48 8.73
CA VAL A 20 13.44 1.78 8.17
C VAL A 20 14.09 1.49 6.82
N VAL A 21 14.12 2.47 5.94
CA VAL A 21 14.78 2.32 4.63
C VAL A 21 15.93 3.29 4.56
N LYS A 22 17.13 2.79 4.21
CA LYS A 22 18.36 3.57 4.09
C LYS A 22 18.75 3.64 2.65
N LEU A 23 19.48 4.69 2.29
CA LEU A 23 20.13 4.74 1.00
C LEU A 23 21.39 3.87 1.17
N ALA A 24 21.70 3.05 0.17
CA ALA A 24 22.82 2.12 0.25
C ALA A 24 23.61 2.12 -1.06
N TYR A 25 24.91 2.29 -0.97
CA TYR A 25 25.78 2.29 -2.15
C TYR A 25 26.40 0.91 -2.30
N ASN A 26 26.22 0.28 -3.47
CA ASN A 26 26.84 -1.02 -3.75
C ASN A 26 28.21 -0.78 -4.41
N GLU A 27 29.28 -1.05 -3.66
CA GLU A 27 30.66 -0.87 -4.16
C GLU A 27 31.02 -1.78 -5.35
N ASN A 28 30.35 -2.93 -5.50
CA ASN A 28 30.66 -3.85 -6.59
C ASN A 28 30.20 -3.37 -7.94
N ASP A 29 29.02 -2.72 -8.02
CA ASP A 29 28.47 -2.24 -9.29
C ASP A 29 28.29 -0.74 -9.34
N ASN A 30 28.85 -0.01 -8.34
CA ASN A 30 28.87 1.45 -8.31
C ASN A 30 27.47 2.03 -8.48
N THR A 31 26.48 1.38 -7.84
CA THR A 31 25.07 1.75 -7.92
C THR A 31 24.45 1.93 -6.55
N TYR A 32 23.55 2.91 -6.45
CA TYR A 32 22.76 3.10 -5.25
C TYR A 32 21.48 2.28 -5.29
N TYR A 33 21.10 1.77 -4.11
CA TYR A 33 19.90 1.00 -3.85
C TYR A 33 19.19 1.53 -2.61
N ALA A 34 17.96 1.06 -2.38
CA ALA A 34 17.21 1.37 -1.17
C ALA A 34 17.23 0.09 -0.31
N MET A 35 17.68 0.17 0.95
CA MET A 35 17.77 -1.02 1.79
C MET A 35 16.84 -0.90 2.98
N LYS A 36 15.90 -1.85 3.09
CA LYS A 36 15.01 -1.92 4.25
C LYS A 36 15.76 -2.71 5.32
N VAL A 37 15.80 -2.18 6.56
CA VAL A 37 16.52 -2.74 7.70
C VAL A 37 15.50 -3.15 8.73
N LEU A 38 15.55 -4.40 9.20
CA LEU A 38 14.57 -4.90 10.15
C LEU A 38 15.22 -5.67 11.27
N SER A 39 14.58 -5.70 12.41
CA SER A 39 15.01 -6.49 13.57
C SER A 39 13.96 -7.59 13.72
N LYS A 40 14.38 -8.85 13.64
CA LYS A 40 13.46 -10.00 13.78
C LYS A 40 12.74 -9.98 15.15
N LYS A 41 13.49 -9.72 16.22
CA LYS A 41 12.90 -9.70 17.57
C LYS A 41 11.89 -8.55 17.68
N LYS A 42 12.17 -7.39 17.07
CA LYS A 42 11.24 -6.28 17.13
C LYS A 42 9.97 -6.61 16.36
N LEU A 43 10.09 -7.26 15.19
CA LEU A 43 8.94 -7.64 14.37
C LEU A 43 8.03 -8.59 15.18
N ILE A 44 8.64 -9.49 15.94
CA ILE A 44 7.88 -10.45 16.77
C ILE A 44 7.12 -9.70 17.85
N ARG A 45 7.79 -8.74 18.51
CA ARG A 45 7.22 -7.96 19.59
C ARG A 45 6.10 -7.03 19.10
N GLN A 46 6.21 -6.53 17.86
CA GLN A 46 5.19 -5.68 17.25
C GLN A 46 3.81 -6.36 17.22
N ALA A 47 3.76 -7.69 17.14
CA ALA A 47 2.50 -8.41 17.13
C ALA A 47 1.80 -8.47 18.51
N GLY A 48 2.53 -8.16 19.58
CA GLY A 48 2.00 -8.21 20.93
C GLY A 48 2.54 -9.40 21.69
N PHE A 49 2.43 -9.35 23.02
CA PHE A 49 2.90 -10.46 23.84
C PHE A 49 1.96 -11.63 23.71
N PRO A 50 2.49 -12.85 23.62
CA PRO A 50 1.60 -14.01 23.51
C PRO A 50 0.74 -14.19 24.77
N ARG A 51 -0.47 -14.69 24.55
CA ARG A 51 -1.46 -14.90 25.59
C ARG A 51 -1.21 -16.22 26.31
N ARG A 52 -1.58 -16.27 27.60
CA ARG A 52 -1.50 -17.51 28.38
C ARG A 52 -2.57 -18.45 27.83
N PRO A 53 -2.36 -19.79 27.85
CA PRO A 53 -3.41 -20.70 27.35
C PRO A 53 -4.78 -20.52 28.05
N PRO A 54 -5.91 -20.46 27.32
CA PRO A 54 -7.23 -20.30 27.99
C PRO A 54 -7.68 -21.51 28.83
N PRO A 55 -8.90 -21.50 29.43
CA PRO A 55 -9.31 -22.66 30.25
C PRO A 55 -9.71 -23.85 29.41
N GLY A 64 -11.13 -14.99 14.59
CA GLY A 64 -11.12 -13.78 13.79
C GLY A 64 -10.07 -12.78 14.24
N CYS A 65 -9.74 -12.76 15.56
CA CYS A 65 -8.77 -11.83 16.11
C CYS A 65 -7.65 -12.51 16.89
N ILE A 66 -7.45 -13.81 16.70
CA ILE A 66 -6.39 -14.55 17.39
C ILE A 66 -5.00 -14.09 16.90
N GLN A 67 -4.07 -13.88 17.84
CA GLN A 67 -2.70 -13.47 17.50
C GLN A 67 -2.05 -14.56 16.63
N PRO A 68 -1.27 -14.19 15.58
CA PRO A 68 -0.59 -15.23 14.78
C PRO A 68 0.39 -16.02 15.65
N ARG A 69 0.44 -17.36 15.53
CA ARG A 69 1.35 -18.16 16.39
C ARG A 69 2.83 -17.85 16.17
N GLY A 70 3.19 -17.63 14.91
CA GLY A 70 4.55 -17.29 14.50
C GLY A 70 4.58 -15.99 13.76
N PRO A 71 4.60 -14.85 14.48
CA PRO A 71 4.61 -13.53 13.82
C PRO A 71 5.72 -13.28 12.81
N ILE A 72 6.89 -13.90 13.00
CA ILE A 72 8.00 -13.68 12.05
C ILE A 72 7.66 -14.21 10.63
N GLU A 73 6.66 -15.09 10.50
CA GLU A 73 6.31 -15.57 9.19
C GLU A 73 5.87 -14.46 8.24
N GLN A 74 5.32 -13.32 8.75
CA GLN A 74 4.84 -12.27 7.84
C GLN A 74 5.97 -11.64 7.04
N VAL A 75 7.12 -11.35 7.66
CA VAL A 75 8.22 -10.79 6.85
C VAL A 75 8.73 -11.78 5.81
N TYR A 76 8.78 -13.08 6.12
CA TYR A 76 9.20 -14.07 5.14
C TYR A 76 8.12 -14.23 4.04
N GLN A 77 6.87 -13.90 4.35
CA GLN A 77 5.83 -13.92 3.35
C GLN A 77 6.03 -12.68 2.44
N GLU A 78 6.28 -11.52 3.04
CA GLU A 78 6.57 -10.30 2.27
C GLU A 78 7.73 -10.56 1.29
N ILE A 79 8.80 -11.21 1.76
CA ILE A 79 9.95 -11.51 0.90
C ILE A 79 9.54 -12.44 -0.28
N ALA A 80 8.81 -13.51 0.01
CA ALA A 80 8.34 -14.44 -1.00
C ALA A 80 7.46 -13.72 -2.03
N ILE A 81 6.62 -12.78 -1.57
CA ILE A 81 5.73 -11.99 -2.43
C ILE A 81 6.56 -11.12 -3.34
N LEU A 82 7.52 -10.39 -2.78
CA LEU A 82 8.37 -9.52 -3.57
C LEU A 82 9.20 -10.27 -4.60
N LYS A 83 9.70 -11.44 -4.24
CA LYS A 83 10.48 -12.27 -5.18
C LYS A 83 9.64 -12.71 -6.43
N LYS A 84 8.31 -12.82 -6.30
CA LYS A 84 7.36 -13.24 -7.34
C LYS A 84 7.03 -12.11 -8.31
N LEU A 85 7.22 -10.84 -7.89
CA LEU A 85 6.78 -9.69 -8.66
C LEU A 85 7.87 -9.04 -9.47
N ASP A 86 7.65 -8.92 -10.79
CA ASP A 86 8.54 -8.25 -11.72
C ASP A 86 7.65 -7.43 -12.66
N HIS A 87 7.48 -6.15 -12.33
CA HIS A 87 6.63 -5.26 -13.13
C HIS A 87 7.14 -3.85 -13.03
N PRO A 88 7.05 -3.06 -14.11
CA PRO A 88 7.59 -1.69 -14.07
C PRO A 88 6.93 -0.74 -13.08
N ASN A 89 5.72 -1.04 -12.62
CA ASN A 89 5.02 -0.20 -11.64
C ASN A 89 5.00 -0.82 -10.24
N VAL A 90 5.94 -1.73 -9.96
CA VAL A 90 6.12 -2.34 -8.65
C VAL A 90 7.60 -2.28 -8.30
N VAL A 91 7.93 -2.06 -7.02
CA VAL A 91 9.34 -2.06 -6.60
C VAL A 91 9.99 -3.41 -6.89
N LYS A 92 11.31 -3.41 -7.04
CA LYS A 92 12.04 -4.63 -7.40
C LYS A 92 13.00 -4.99 -6.26
N LEU A 93 12.75 -6.10 -5.60
CA LEU A 93 13.65 -6.65 -4.58
C LEU A 93 14.80 -7.34 -5.33
N VAL A 94 16.04 -6.98 -5.03
CA VAL A 94 17.21 -7.54 -5.70
C VAL A 94 18.04 -8.47 -4.81
N GLU A 95 18.00 -8.33 -3.49
CA GLU A 95 18.78 -9.20 -2.60
C GLU A 95 18.21 -9.18 -1.20
N VAL A 96 18.36 -10.30 -0.48
CA VAL A 96 18.00 -10.40 0.94
C VAL A 96 19.26 -10.87 1.67
N LEU A 97 19.62 -10.15 2.73
CA LEU A 97 20.76 -10.49 3.57
C LEU A 97 20.17 -10.97 4.89
N ASP A 98 20.36 -12.24 5.21
CA ASP A 98 19.75 -12.82 6.39
C ASP A 98 20.60 -13.94 6.98
N ASP A 99 21.33 -13.62 8.02
CA ASP A 99 22.16 -14.57 8.74
C ASP A 99 21.27 -15.15 9.87
N PRO A 100 21.06 -16.49 9.91
CA PRO A 100 20.25 -17.08 11.00
C PRO A 100 20.71 -16.80 12.43
N ASN A 101 22.00 -16.48 12.63
CA ASN A 101 22.58 -16.17 13.95
C ASN A 101 22.53 -14.67 14.29
N GLU A 102 21.95 -13.82 13.39
CA GLU A 102 21.84 -12.37 13.63
C GLU A 102 20.37 -11.99 13.74
N ASP A 103 20.13 -10.91 14.46
CA ASP A 103 18.77 -10.42 14.64
C ASP A 103 18.32 -9.56 13.45
N HIS A 104 19.26 -8.93 12.73
CA HIS A 104 18.86 -8.07 11.61
C HIS A 104 18.68 -8.81 10.30
N LEU A 105 17.77 -8.29 9.52
CA LEU A 105 17.36 -8.77 8.22
C LEU A 105 17.38 -7.54 7.31
N TYR A 106 17.97 -7.68 6.13
CA TYR A 106 18.09 -6.58 5.18
C TYR A 106 17.51 -6.95 3.83
N MET A 107 16.71 -6.05 3.27
CA MET A 107 16.08 -6.24 1.98
C MET A 107 16.51 -5.12 1.05
N VAL A 108 17.20 -5.48 -0.04
CA VAL A 108 17.76 -4.52 -1.01
C VAL A 108 16.83 -4.38 -2.20
N PHE A 109 16.48 -3.13 -2.54
CA PHE A 109 15.57 -2.80 -3.63
C PHE A 109 16.25 -1.88 -4.64
N GLU A 110 15.84 -1.94 -5.90
CA GLU A 110 16.27 -0.94 -6.88
C GLU A 110 15.74 0.42 -6.41
N LEU A 111 16.58 1.46 -6.51
CA LEU A 111 16.18 2.79 -6.04
C LEU A 111 15.13 3.44 -6.97
N VAL A 112 14.13 4.09 -6.38
CA VAL A 112 13.11 4.86 -7.12
C VAL A 112 13.35 6.30 -6.70
N ASN A 113 14.10 7.04 -7.52
CA ASN A 113 14.77 8.24 -7.11
C ASN A 113 14.00 9.30 -6.39
N GLN A 114 12.81 9.63 -6.85
CA GLN A 114 12.13 10.83 -6.34
C GLN A 114 11.32 10.65 -5.06
N GLY A 115 11.13 9.44 -4.61
CA GLY A 115 10.37 9.24 -3.39
C GLY A 115 8.88 9.33 -3.61
N PRO A 116 8.14 9.42 -2.50
CA PRO A 116 6.67 9.35 -2.57
C PRO A 116 6.04 10.43 -3.39
N VAL A 117 4.98 10.08 -4.06
CA VAL A 117 4.30 11.06 -4.91
C VAL A 117 3.66 12.20 -4.09
N MET A 118 3.16 11.90 -2.93
CA MET A 118 2.46 12.83 -2.04
C MET A 118 2.39 12.24 -0.65
N GLU A 119 2.35 13.09 0.39
CA GLU A 119 2.18 12.61 1.77
C GLU A 119 0.92 13.34 2.23
N VAL A 120 -0.16 12.60 2.39
CA VAL A 120 -1.47 13.19 2.70
C VAL A 120 -1.53 13.58 4.19
N PRO A 121 -2.11 14.73 4.54
CA PRO A 121 -2.66 15.77 3.65
C PRO A 121 -1.65 16.74 3.10
N THR A 122 -1.94 17.32 1.94
CA THR A 122 -1.11 18.34 1.32
C THR A 122 -1.98 19.49 0.82
N LEU A 123 -1.43 20.68 0.80
CA LEU A 123 -2.13 21.84 0.22
C LEU A 123 -1.83 21.98 -1.29
N LYS A 124 -0.99 21.06 -1.83
CA LYS A 124 -0.54 21.12 -3.21
C LYS A 124 -0.91 19.83 -3.95
N PRO A 125 -2.18 19.65 -4.31
CA PRO A 125 -2.56 18.43 -5.02
C PRO A 125 -2.03 18.42 -6.44
N LEU A 126 -2.21 17.29 -7.09
CA LEU A 126 -1.82 17.15 -8.49
C LEU A 126 -2.87 17.74 -9.40
N SER A 127 -2.46 18.11 -10.62
CA SER A 127 -3.43 18.48 -11.63
C SER A 127 -4.21 17.23 -12.04
N GLU A 128 -5.36 17.42 -12.68
CA GLU A 128 -6.15 16.30 -13.16
C GLU A 128 -5.34 15.44 -14.15
N ASP A 129 -4.59 16.08 -15.06
CA ASP A 129 -3.83 15.30 -16.05
C ASP A 129 -2.68 14.53 -15.45
N GLN A 130 -1.99 15.09 -14.46
CA GLN A 130 -0.90 14.38 -13.81
C GLN A 130 -1.46 13.27 -12.94
N ALA A 131 -2.62 13.53 -12.30
CA ALA A 131 -3.27 12.47 -11.52
C ALA A 131 -3.63 11.30 -12.44
N ARG A 132 -4.07 11.58 -13.68
CA ARG A 132 -4.43 10.51 -14.61
C ARG A 132 -3.21 9.68 -14.97
N PHE A 133 -2.07 10.31 -15.25
CA PHE A 133 -0.83 9.57 -15.58
C PHE A 133 -0.41 8.64 -14.45
N TYR A 134 -0.42 9.14 -13.21
CA TYR A 134 -0.05 8.33 -12.05
C TYR A 134 -1.09 7.25 -11.77
N PHE A 135 -2.38 7.56 -11.97
CA PHE A 135 -3.41 6.59 -11.75
C PHE A 135 -3.35 5.44 -12.78
N GLN A 136 -3.00 5.74 -14.03
CA GLN A 136 -2.78 4.73 -15.08
C GLN A 136 -1.65 3.79 -14.63
N ASP A 137 -0.57 4.33 -14.02
CA ASP A 137 0.51 3.48 -13.48
C ASP A 137 -0.01 2.60 -12.36
N LEU A 138 -0.79 3.16 -11.47
CA LEU A 138 -1.37 2.45 -10.31
C LEU A 138 -2.25 1.30 -10.77
N ILE A 139 -3.10 1.54 -11.78
CA ILE A 139 -3.94 0.49 -12.36
C ILE A 139 -3.10 -0.65 -12.86
N LYS A 140 -2.05 -0.36 -13.62
CA LYS A 140 -1.21 -1.41 -14.17
C LYS A 140 -0.55 -2.23 -13.06
N GLY A 141 -0.03 -1.55 -12.04
CA GLY A 141 0.61 -2.28 -10.95
C GLY A 141 -0.36 -3.15 -10.18
N ILE A 142 -1.54 -2.60 -9.83
CA ILE A 142 -2.53 -3.36 -9.03
C ILE A 142 -3.08 -4.53 -9.84
N GLU A 143 -3.37 -4.31 -11.12
CA GLU A 143 -3.90 -5.40 -11.95
C GLU A 143 -2.89 -6.56 -11.97
N TYR A 144 -1.58 -6.25 -12.07
CA TYR A 144 -0.51 -7.25 -12.02
C TYR A 144 -0.48 -7.97 -10.67
N LEU A 145 -0.51 -7.20 -9.56
CA LEU A 145 -0.52 -7.82 -8.21
C LEU A 145 -1.69 -8.80 -8.11
N HIS A 146 -2.90 -8.33 -8.45
CA HIS A 146 -4.09 -9.18 -8.35
C HIS A 146 -3.97 -10.42 -9.26
N TYR A 147 -3.38 -10.28 -10.44
CA TYR A 147 -3.19 -11.43 -11.31
C TYR A 147 -2.25 -12.48 -10.65
N GLN A 148 -1.24 -11.98 -9.93
CA GLN A 148 -0.25 -12.80 -9.20
C GLN A 148 -0.79 -13.25 -7.82
N LYS A 149 -2.08 -13.03 -7.57
CA LYS A 149 -2.78 -13.45 -6.35
C LYS A 149 -2.23 -12.76 -5.10
N ILE A 150 -1.90 -11.48 -5.25
CA ILE A 150 -1.44 -10.61 -4.17
C ILE A 150 -2.43 -9.45 -3.96
N ILE A 151 -2.83 -9.22 -2.70
CA ILE A 151 -3.54 -8.01 -2.28
C ILE A 151 -2.53 -7.16 -1.51
N HIS A 152 -2.47 -5.87 -1.81
CA HIS A 152 -1.45 -5.00 -1.17
C HIS A 152 -1.85 -4.60 0.26
N ARG A 153 -3.10 -4.13 0.43
CA ARG A 153 -3.72 -3.78 1.72
C ARG A 153 -3.26 -2.47 2.33
N ASP A 154 -2.38 -1.72 1.65
CA ASP A 154 -1.95 -0.43 2.16
C ASP A 154 -1.69 0.55 1.03
N ILE A 155 -2.62 0.57 0.04
CA ILE A 155 -2.48 1.50 -1.05
C ILE A 155 -2.84 2.92 -0.55
N LYS A 156 -1.92 3.86 -0.75
CA LYS A 156 -2.07 5.26 -0.37
C LYS A 156 -0.97 6.02 -1.10
N PRO A 157 -1.09 7.35 -1.28
CA PRO A 157 -0.07 8.07 -2.08
C PRO A 157 1.35 8.00 -1.51
N SER A 158 1.50 7.93 -0.18
CA SER A 158 2.84 7.90 0.43
C SER A 158 3.58 6.55 0.16
N ASN A 159 2.87 5.50 -0.31
CA ASN A 159 3.48 4.22 -0.71
C ASN A 159 3.68 4.12 -2.23
N LEU A 160 3.46 5.21 -2.97
CA LEU A 160 3.64 5.23 -4.41
C LEU A 160 4.86 6.09 -4.71
N LEU A 161 5.95 5.45 -5.18
CA LEU A 161 7.22 6.14 -5.37
C LEU A 161 7.37 6.54 -6.81
N VAL A 162 7.87 7.74 -7.05
CA VAL A 162 8.09 8.26 -8.38
C VAL A 162 9.54 8.04 -8.83
N GLY A 163 9.74 7.36 -9.94
CA GLY A 163 11.07 7.10 -10.46
C GLY A 163 11.64 8.23 -11.31
N GLU A 164 12.89 8.03 -11.78
CA GLU A 164 13.62 8.97 -12.65
C GLU A 164 12.79 9.30 -13.92
N ASP A 165 12.01 8.33 -14.36
CA ASP A 165 11.20 8.42 -15.56
C ASP A 165 9.81 9.04 -15.39
N GLY A 166 9.49 9.46 -14.17
CA GLY A 166 8.21 10.06 -13.84
C GLY A 166 7.07 9.07 -13.73
N HIS A 167 7.35 7.77 -13.65
CA HIS A 167 6.34 6.72 -13.46
C HIS A 167 6.38 6.26 -12.01
N ILE A 168 5.24 5.83 -11.50
CA ILE A 168 5.08 5.34 -10.13
C ILE A 168 5.39 3.88 -10.01
N LYS A 169 5.99 3.51 -8.88
CA LYS A 169 6.17 2.13 -8.45
C LYS A 169 5.49 1.94 -7.07
N ILE A 170 4.68 0.90 -6.94
CA ILE A 170 3.99 0.56 -5.70
C ILE A 170 5.06 -0.04 -4.75
N ALA A 171 5.07 0.45 -3.51
CA ALA A 171 6.02 0.06 -2.48
C ALA A 171 5.29 -0.26 -1.15
N ASP A 172 6.07 -0.64 -0.16
CA ASP A 172 5.65 -1.07 1.17
C ASP A 172 4.71 -2.29 1.10
N PHE A 173 5.31 -3.47 0.94
CA PHE A 173 4.60 -4.74 0.91
C PHE A 173 4.54 -5.37 2.33
N GLY A 174 4.77 -4.56 3.36
CA GLY A 174 4.78 -5.03 4.75
C GLY A 174 3.55 -5.77 5.24
N VAL A 175 2.35 -5.37 4.76
CA VAL A 175 1.09 -6.03 5.16
C VAL A 175 0.40 -6.78 4.00
N SER A 176 1.09 -6.97 2.88
CA SER A 176 0.53 -7.65 1.71
C SER A 176 0.23 -9.11 2.01
N ASN A 177 -0.71 -9.68 1.27
CA ASN A 177 -1.10 -11.07 1.47
C ASN A 177 -1.21 -11.78 0.13
N GLU A 178 -0.69 -13.01 0.05
CA GLU A 178 -0.86 -13.88 -1.11
C GLU A 178 -2.02 -14.81 -0.82
N PHE A 179 -2.97 -14.94 -1.74
CA PHE A 179 -4.13 -15.79 -1.53
C PHE A 179 -4.12 -16.97 -2.49
N LYS A 180 -4.91 -18.00 -2.15
CA LYS A 180 -5.11 -19.15 -3.02
C LYS A 180 -6.50 -18.94 -3.61
N GLY A 181 -6.75 -19.44 -4.79
CA GLY A 181 -8.06 -19.25 -5.40
C GLY A 181 -8.23 -17.89 -6.05
N SER A 182 -9.49 -17.45 -6.24
CA SER A 182 -9.81 -16.27 -7.04
C SER A 182 -9.71 -14.95 -6.30
N ASP A 183 -9.79 -14.97 -4.98
CA ASP A 183 -9.76 -13.75 -4.16
C ASP A 183 -9.43 -14.12 -2.71
N ALA A 184 -9.04 -13.13 -1.90
CA ALA A 184 -8.77 -13.38 -0.49
C ALA A 184 -10.09 -13.21 0.25
N LEU A 185 -10.43 -14.20 1.07
CA LEU A 185 -11.64 -14.19 1.88
C LEU A 185 -11.21 -13.78 3.28
N LEU A 186 -11.53 -12.55 3.71
CA LEU A 186 -11.05 -12.00 4.97
C LEU A 186 -12.15 -11.79 6.00
N SER A 187 -11.83 -12.10 7.29
CA SER A 187 -12.69 -11.80 8.44
C SER A 187 -12.31 -10.41 9.02
N ASN A 188 -11.04 -10.07 8.98
CA ASN A 188 -10.53 -8.77 9.41
C ASN A 188 -9.32 -8.44 8.57
N THR A 189 -8.94 -7.19 8.55
CA THR A 189 -7.79 -6.77 7.79
C THR A 189 -7.05 -5.64 8.48
N VAL A 190 -5.88 -5.34 7.94
CA VAL A 190 -4.98 -4.26 8.39
C VAL A 190 -5.11 -3.16 7.37
N GLY A 191 -4.66 -1.97 7.69
CA GLY A 191 -4.65 -0.86 6.75
C GLY A 191 -4.43 0.45 7.45
N THR A 192 -4.32 1.51 6.69
CA THR A 192 -4.21 2.86 7.22
C THR A 192 -5.68 3.31 7.41
N PRO A 193 -6.07 3.74 8.63
CA PRO A 193 -7.50 4.01 8.92
C PRO A 193 -8.31 4.78 7.88
N ALA A 194 -7.80 5.92 7.41
CA ALA A 194 -8.54 6.73 6.43
C ALA A 194 -8.72 6.09 5.03
N PHE A 195 -7.99 4.99 4.73
CA PHE A 195 -8.05 4.29 3.44
C PHE A 195 -8.78 2.95 3.54
N MET A 196 -9.26 2.57 4.74
CA MET A 196 -9.95 1.29 4.92
C MET A 196 -11.38 1.35 4.45
N ALA A 197 -11.83 0.28 3.78
CA ALA A 197 -13.18 0.21 3.23
C ALA A 197 -14.22 -0.01 4.33
N PRO A 198 -15.44 0.47 4.09
CA PRO A 198 -16.49 0.37 5.14
C PRO A 198 -16.82 -1.02 5.63
N GLU A 199 -16.78 -2.00 4.73
CA GLU A 199 -17.06 -3.40 5.06
C GLU A 199 -16.06 -4.01 6.05
N SER A 200 -14.86 -3.45 6.14
CA SER A 200 -13.82 -3.92 7.04
C SER A 200 -13.94 -3.32 8.45
N LEU A 201 -14.83 -2.34 8.67
CA LEU A 201 -14.95 -1.60 9.92
C LEU A 201 -16.20 -1.87 10.74
N SER A 202 -16.77 -3.05 10.59
CA SER A 202 -17.93 -3.44 11.41
C SER A 202 -17.73 -4.76 12.10
N GLU A 203 -18.55 -5.02 13.13
CA GLU A 203 -18.58 -6.32 13.82
C GLU A 203 -19.65 -7.10 13.08
N THR A 204 -19.28 -8.12 12.30
CA THR A 204 -20.27 -8.84 11.48
C THR A 204 -19.96 -10.31 11.29
N ARG A 205 -20.98 -11.04 10.82
CA ARG A 205 -20.88 -12.48 10.53
C ARG A 205 -20.40 -12.71 9.07
N LYS A 206 -20.18 -11.65 8.29
CA LYS A 206 -19.81 -11.73 6.88
C LYS A 206 -18.32 -11.43 6.60
N ILE A 207 -17.66 -12.36 5.89
CA ILE A 207 -16.30 -12.18 5.39
C ILE A 207 -16.39 -11.20 4.24
N PHE A 208 -15.26 -10.67 3.79
CA PHE A 208 -15.24 -9.76 2.68
C PHE A 208 -14.07 -10.02 1.77
N SER A 209 -14.18 -9.51 0.54
CA SER A 209 -13.21 -9.64 -0.56
C SER A 209 -12.00 -8.75 -0.35
N GLY A 210 -10.79 -9.30 -0.51
CA GLY A 210 -9.58 -8.51 -0.39
C GLY A 210 -9.37 -7.60 -1.58
N LYS A 211 -9.66 -8.08 -2.81
CA LYS A 211 -9.41 -7.21 -3.97
C LYS A 211 -10.25 -5.94 -3.92
N ALA A 212 -11.51 -6.01 -3.45
CA ALA A 212 -12.36 -4.82 -3.40
C ALA A 212 -11.87 -3.79 -2.34
N LEU A 213 -11.10 -4.24 -1.33
CA LEU A 213 -10.47 -3.35 -0.34
C LEU A 213 -9.40 -2.54 -1.07
N ASP A 214 -8.60 -3.20 -1.93
CA ASP A 214 -7.60 -2.47 -2.72
C ASP A 214 -8.30 -1.46 -3.62
N VAL A 215 -9.44 -1.80 -4.22
CA VAL A 215 -10.15 -0.83 -5.08
C VAL A 215 -10.58 0.40 -4.26
N TRP A 216 -11.22 0.17 -3.12
CA TRP A 216 -11.60 1.29 -2.24
C TRP A 216 -10.38 2.18 -1.94
N ALA A 217 -9.26 1.58 -1.54
CA ALA A 217 -8.07 2.38 -1.24
C ALA A 217 -7.55 3.12 -2.47
N MET A 218 -7.65 2.55 -3.67
CA MET A 218 -7.31 3.26 -4.93
C MET A 218 -8.23 4.48 -5.12
N GLY A 219 -9.49 4.34 -4.71
CA GLY A 219 -10.47 5.42 -4.81
C GLY A 219 -10.12 6.59 -3.90
N VAL A 220 -9.74 6.27 -2.67
CA VAL A 220 -9.33 7.29 -1.70
C VAL A 220 -8.06 7.95 -2.20
N THR A 221 -7.13 7.15 -2.74
CA THR A 221 -5.86 7.64 -3.30
C THR A 221 -6.11 8.60 -4.43
N LEU A 222 -6.99 8.23 -5.37
CA LEU A 222 -7.29 9.10 -6.51
C LEU A 222 -7.93 10.43 -6.03
N TYR A 223 -8.85 10.36 -5.07
CA TYR A 223 -9.43 11.57 -4.44
C TYR A 223 -8.31 12.42 -3.83
N CYS A 224 -7.36 11.79 -3.10
CA CYS A 224 -6.20 12.51 -2.55
C CYS A 224 -5.37 13.16 -3.64
N PHE A 225 -5.16 12.45 -4.74
CA PHE A 225 -4.34 12.96 -5.83
C PHE A 225 -4.80 14.34 -6.28
N VAL A 226 -6.11 14.49 -6.47
CA VAL A 226 -6.62 15.75 -7.01
C VAL A 226 -7.07 16.77 -5.95
N PHE A 227 -7.34 16.34 -4.71
CA PHE A 227 -7.77 17.24 -3.63
C PHE A 227 -6.77 17.47 -2.49
N GLY A 228 -5.86 16.54 -2.30
CA GLY A 228 -4.80 16.70 -1.30
C GLY A 228 -5.17 16.21 0.10
N GLN A 229 -6.39 15.71 0.27
CA GLN A 229 -6.90 15.18 1.55
C GLN A 229 -7.96 14.13 1.26
N CYS A 230 -8.18 13.21 2.22
CA CYS A 230 -9.12 12.13 2.12
C CYS A 230 -10.57 12.61 2.08
N PRO A 231 -11.49 11.80 1.53
CA PRO A 231 -12.88 12.22 1.47
C PRO A 231 -13.60 12.12 2.81
N PHE A 232 -13.15 11.19 3.68
CA PHE A 232 -13.76 10.98 5.00
C PHE A 232 -12.66 11.23 6.00
N MET A 233 -12.86 12.22 6.85
CA MET A 233 -11.78 12.56 7.76
C MET A 233 -12.30 13.04 9.10
N ASP A 234 -11.62 12.62 10.16
CA ASP A 234 -11.87 13.04 11.54
C ASP A 234 -10.69 12.61 12.40
N GLU A 235 -10.30 13.44 13.35
CA GLU A 235 -9.20 13.14 14.24
C GLU A 235 -9.59 12.11 15.32
N ARG A 236 -10.89 11.96 15.54
CA ARG A 236 -11.43 11.00 16.50
C ARG A 236 -11.68 9.68 15.75
N ILE A 237 -10.96 8.59 16.12
CA ILE A 237 -11.03 7.31 15.37
C ILE A 237 -12.46 6.76 15.24
N MET A 238 -13.28 6.84 16.31
CA MET A 238 -14.67 6.36 16.21
C MET A 238 -15.48 7.18 15.20
N CYS A 239 -15.24 8.50 15.13
CA CYS A 239 -15.91 9.36 14.15
C CYS A 239 -15.45 9.10 12.70
N LEU A 240 -14.14 8.86 12.52
CA LEU A 240 -13.60 8.51 11.21
C LEU A 240 -14.26 7.23 10.71
N HIS A 241 -14.32 6.19 11.56
CA HIS A 241 -14.96 4.94 11.16
C HIS A 241 -16.45 5.15 10.82
N SER A 242 -17.16 5.95 11.62
CA SER A 242 -18.56 6.23 11.39
C SER A 242 -18.75 6.94 10.03
N LYS A 243 -17.88 7.89 9.71
CA LYS A 243 -17.98 8.63 8.45
C LYS A 243 -17.70 7.74 7.25
N ILE A 244 -16.68 6.88 7.33
CA ILE A 244 -16.38 5.97 6.24
C ILE A 244 -17.61 5.09 5.97
N LYS A 245 -18.28 4.63 7.05
CA LYS A 245 -19.43 3.76 6.90
C LYS A 245 -20.72 4.47 6.52
N SER A 246 -20.93 5.74 6.93
CA SER A 246 -22.26 6.36 6.71
C SER A 246 -22.33 7.74 6.06
N GLN A 247 -21.20 8.40 5.87
CA GLN A 247 -21.20 9.72 5.29
C GLN A 247 -21.18 9.62 3.76
N ALA A 248 -22.02 10.41 3.09
CA ALA A 248 -22.07 10.39 1.63
C ALA A 248 -20.82 11.06 1.05
N LEU A 249 -20.27 10.52 -0.04
CA LEU A 249 -19.10 11.14 -0.68
C LEU A 249 -19.49 12.52 -1.20
N GLU A 250 -18.63 13.52 -0.93
CA GLU A 250 -18.79 14.84 -1.46
C GLU A 250 -17.49 15.30 -2.04
N PHE A 251 -17.57 16.23 -2.99
CA PHE A 251 -16.43 16.84 -3.66
C PHE A 251 -16.42 18.31 -3.31
N PRO A 252 -15.26 18.89 -2.99
CA PRO A 252 -15.22 20.34 -2.75
C PRO A 252 -15.55 21.16 -4.00
N ASP A 253 -16.06 22.40 -3.81
CA ASP A 253 -16.39 23.30 -4.92
C ASP A 253 -15.17 23.62 -5.79
N GLN A 254 -14.00 23.77 -5.16
CA GLN A 254 -12.75 24.07 -5.87
C GLN A 254 -11.65 23.14 -5.31
N PRO A 255 -10.73 22.59 -6.13
CA PRO A 255 -10.64 22.71 -7.59
C PRO A 255 -11.80 21.98 -8.26
N ASP A 256 -12.32 22.55 -9.36
CA ASP A 256 -13.43 21.94 -10.06
C ASP A 256 -12.83 20.87 -10.96
N ILE A 257 -13.23 19.61 -10.75
CA ILE A 257 -12.71 18.49 -11.56
C ILE A 257 -13.78 18.04 -12.55
N ALA A 258 -13.36 17.28 -13.56
CA ALA A 258 -14.28 16.78 -14.59
C ALA A 258 -15.36 15.86 -14.05
N GLU A 259 -16.54 15.90 -14.69
CA GLU A 259 -17.64 15.03 -14.29
C GLU A 259 -17.33 13.53 -14.45
N ASP A 260 -16.53 13.15 -15.44
CA ASP A 260 -16.20 11.73 -15.58
C ASP A 260 -15.27 11.25 -14.45
N LEU A 261 -14.37 12.12 -14.00
CA LEU A 261 -13.49 11.77 -12.85
C LEU A 261 -14.36 11.62 -11.56
N LYS A 262 -15.36 12.50 -11.37
CA LYS A 262 -16.25 12.34 -10.22
C LYS A 262 -17.00 10.98 -10.31
N ASP A 263 -17.42 10.59 -11.51
CA ASP A 263 -18.09 9.31 -11.74
C ASP A 263 -17.19 8.17 -11.33
N LEU A 264 -15.94 8.19 -11.82
CA LEU A 264 -15.01 7.12 -11.48
C LEU A 264 -14.76 7.03 -9.97
N ILE A 265 -14.51 8.14 -9.34
CA ILE A 265 -14.25 8.11 -7.89
C ILE A 265 -15.48 7.62 -7.12
N THR A 266 -16.69 8.08 -7.54
CA THR A 266 -17.95 7.65 -6.92
C THR A 266 -18.11 6.11 -7.01
N ARG A 267 -17.72 5.52 -8.15
CA ARG A 267 -17.86 4.08 -8.34
C ARG A 267 -16.86 3.27 -7.53
N MET A 268 -15.67 3.83 -7.34
CA MET A 268 -14.64 3.17 -6.55
C MET A 268 -14.97 3.28 -5.05
N LEU A 269 -15.64 4.36 -4.66
CA LEU A 269 -16.02 4.58 -3.28
C LEU A 269 -17.47 4.25 -3.02
N ASP A 270 -17.99 3.26 -3.75
CA ASP A 270 -19.30 2.69 -3.49
C ASP A 270 -19.14 1.95 -2.14
N LYS A 271 -19.97 2.27 -1.16
CA LYS A 271 -19.84 1.59 0.16
C LYS A 271 -20.18 0.09 0.11
N ASN A 272 -20.96 -0.32 -0.90
CA ASN A 272 -21.33 -1.73 -1.09
C ASN A 272 -20.27 -2.42 -1.94
N PRO A 273 -19.42 -3.30 -1.37
CA PRO A 273 -18.41 -3.98 -2.23
C PRO A 273 -18.97 -4.87 -3.32
N GLU A 274 -20.23 -5.28 -3.22
CA GLU A 274 -20.84 -6.09 -4.27
C GLU A 274 -21.03 -5.27 -5.58
N SER A 275 -21.36 -3.96 -5.47
CA SER A 275 -21.58 -3.10 -6.65
C SER A 275 -20.39 -2.19 -6.98
N ARG A 276 -19.35 -2.17 -6.12
CA ARG A 276 -18.15 -1.37 -6.37
C ARG A 276 -17.49 -1.79 -7.67
N ILE A 277 -17.05 -0.81 -8.44
CA ILE A 277 -16.37 -1.06 -9.71
C ILE A 277 -15.15 -1.96 -9.48
N VAL A 278 -14.86 -2.82 -10.47
CA VAL A 278 -13.72 -3.74 -10.43
C VAL A 278 -12.62 -3.22 -11.34
N VAL A 279 -11.38 -3.68 -11.13
CA VAL A 279 -10.22 -3.19 -11.90
C VAL A 279 -10.39 -3.33 -13.41
N PRO A 280 -10.89 -4.46 -13.96
CA PRO A 280 -11.12 -4.54 -15.41
C PRO A 280 -12.01 -3.43 -15.99
N GLU A 281 -12.98 -2.95 -15.21
CA GLU A 281 -13.89 -1.86 -15.60
C GLU A 281 -13.18 -0.51 -15.43
N ILE A 282 -12.38 -0.36 -14.35
CA ILE A 282 -11.65 0.90 -14.12
C ILE A 282 -10.75 1.18 -15.33
N LYS A 283 -10.04 0.14 -15.82
CA LYS A 283 -9.15 0.26 -16.97
C LYS A 283 -9.82 0.83 -18.20
N LEU A 284 -11.11 0.56 -18.38
CA LEU A 284 -11.87 1.02 -19.54
C LEU A 284 -12.79 2.22 -19.26
N HIS A 285 -12.66 2.84 -18.08
CA HIS A 285 -13.49 3.99 -17.75
C HIS A 285 -13.12 5.16 -18.65
N PRO A 286 -14.09 5.95 -19.14
CA PRO A 286 -13.76 7.08 -20.03
C PRO A 286 -12.71 8.09 -19.52
N TRP A 287 -12.67 8.35 -18.21
CA TRP A 287 -11.65 9.26 -17.66
C TRP A 287 -10.26 8.67 -17.84
N VAL A 288 -10.14 7.36 -17.66
CA VAL A 288 -8.84 6.68 -17.75
C VAL A 288 -8.32 6.61 -19.20
N THR A 289 -9.20 6.37 -20.17
CA THR A 289 -8.82 6.19 -21.57
C THR A 289 -8.70 7.51 -22.36
N ARG A 290 -9.14 8.66 -21.79
CA ARG A 290 -9.06 9.99 -22.44
C ARG A 290 -7.60 10.36 -22.65
#